data_7JJV
#
_entry.id   7JJV
#
_cell.length_a   30.489
_cell.length_b   64.214
_cell.length_c   86.267
_cell.angle_alpha   90.000
_cell.angle_beta   90.000
_cell.angle_gamma   90.000
#
_symmetry.space_group_name_H-M   'P 21 21 21'
#
loop_
_entity.id
_entity.type
_entity.pdbx_description
1 polymer 'GrAFP antifreeze protein'
2 water water
#
_entity_poly.entity_id   1
_entity_poly.type   'polypeptide(L)'
_entity_poly.pdbx_seq_one_letter_code
;MQCDGLDGADGTSNGQAGASGLAGGPNCNGGKGGKGAPGVGTAGGAGGVGGAGGTGNTNGGAGGSGGNSDVAAGGAGAAG
GAAGGAGTGGTGGNGGAGKPGGAPGAGGAGTPAGSAGSPGQTTVLEHHHHHH
;
_entity_poly.pdbx_strand_id   A,B
#
# COMPACT_ATOMS: atom_id res chain seq x y z
N MET A 1 0.29 -10.60 19.20
CA MET A 1 1.66 -10.27 19.70
C MET A 1 2.57 -10.05 18.51
N GLN A 2 3.61 -9.21 18.68
CA GLN A 2 4.56 -8.99 17.59
C GLN A 2 5.36 -10.27 17.36
N CYS A 3 5.48 -10.66 16.10
CA CYS A 3 6.31 -11.82 15.72
C CYS A 3 7.49 -11.36 14.87
N ASP A 4 8.51 -12.20 14.78
CA ASP A 4 9.73 -11.75 14.10
C ASP A 4 9.64 -12.02 12.57
N GLY A 5 10.18 -11.08 11.77
CA GLY A 5 10.44 -11.37 10.35
C GLY A 5 9.29 -10.97 9.47
N LEU A 6 8.34 -10.17 9.92
CA LEU A 6 7.14 -9.84 9.13
C LEU A 6 7.18 -8.43 8.51
N ASP A 7 8.11 -7.58 8.90
CA ASP A 7 8.12 -6.18 8.43
C ASP A 7 8.58 -6.12 7.00
N GLY A 8 7.96 -5.24 6.23
CA GLY A 8 8.39 -5.00 4.86
C GLY A 8 9.62 -4.11 4.80
N ALA A 9 10.46 -4.38 3.77
CA ALA A 9 11.63 -3.57 3.51
C ALA A 9 11.30 -2.14 3.11
N ASP A 10 12.08 -1.19 3.61
CA ASP A 10 11.99 0.20 3.14
C ASP A 10 12.51 0.32 1.73
N GLY A 11 11.99 1.27 0.96
CA GLY A 11 12.58 1.61 -0.31
C GLY A 11 13.97 2.21 -0.11
N THR A 12 14.88 1.86 -0.99
CA THR A 12 16.30 2.24 -0.80
C THR A 12 16.91 2.91 -2.05
N SER A 13 16.16 3.03 -3.13
N SER A 13 16.15 3.04 -3.12
CA SER A 13 16.54 3.75 -4.34
CA SER A 13 16.55 3.76 -4.34
C SER A 13 15.50 4.81 -4.65
C SER A 13 15.51 4.82 -4.65
N ASN A 14 15.91 5.77 -5.48
CA ASN A 14 15.07 6.95 -5.75
C ASN A 14 13.65 6.56 -6.12
N GLY A 15 12.68 7.06 -5.37
CA GLY A 15 11.27 6.82 -5.69
C GLY A 15 10.77 5.44 -5.44
N GLN A 16 11.57 4.53 -4.90
CA GLN A 16 11.13 3.14 -4.73
C GLN A 16 10.08 2.99 -3.63
N ALA A 17 9.10 2.14 -3.93
CA ALA A 17 8.07 1.82 -2.97
C ALA A 17 8.60 1.06 -1.75
N GLY A 18 7.93 1.23 -0.62
CA GLY A 18 8.11 0.31 0.49
C GLY A 18 7.44 -1.02 0.17
N ALA A 19 8.02 -2.10 0.73
CA ALA A 19 7.41 -3.42 0.54
C ALA A 19 6.33 -3.64 1.60
N SER A 20 5.33 -4.43 1.20
N SER A 20 5.33 -4.43 1.22
CA SER A 20 4.24 -4.73 2.13
CA SER A 20 4.21 -4.74 2.12
C SER A 20 4.73 -5.57 3.33
C SER A 20 4.66 -5.61 3.29
N GLY A 21 4.09 -5.35 4.47
CA GLY A 21 4.27 -6.22 5.60
C GLY A 21 3.57 -7.56 5.39
N LEU A 22 4.08 -8.58 6.05
CA LEU A 22 3.55 -9.94 5.88
C LEU A 22 2.34 -10.15 6.76
N ALA A 23 1.39 -10.93 6.25
CA ALA A 23 0.27 -11.41 7.05
C ALA A 23 0.79 -12.22 8.22
N GLY A 24 0.20 -12.05 9.40
CA GLY A 24 0.64 -12.79 10.58
C GLY A 24 0.24 -14.23 10.54
N GLY A 25 1.10 -15.07 11.12
CA GLY A 25 0.71 -16.42 11.41
C GLY A 25 -0.15 -16.46 12.65
N PRO A 26 -0.56 -17.66 13.06
CA PRO A 26 -1.44 -17.81 14.21
C PRO A 26 -0.93 -17.01 15.41
N ASN A 27 -1.81 -16.18 15.97
CA ASN A 27 -1.55 -15.37 17.17
C ASN A 27 -0.53 -14.26 16.94
N CYS A 28 -0.10 -14.01 15.72
CA CYS A 28 0.88 -12.96 15.42
C CYS A 28 0.21 -11.75 14.81
N ASN A 29 0.61 -10.58 15.25
CA ASN A 29 0.24 -9.33 14.58
C ASN A 29 0.77 -9.31 13.17
N GLY A 30 0.11 -8.57 12.29
CA GLY A 30 0.63 -8.35 10.96
C GLY A 30 1.89 -7.50 10.98
N GLY A 31 2.71 -7.66 9.94
CA GLY A 31 3.92 -6.86 9.86
C GLY A 31 3.68 -5.44 9.41
N LYS A 32 4.61 -4.58 9.79
N LYS A 32 4.61 -4.57 9.78
CA LYS A 32 4.61 -3.17 9.37
CA LYS A 32 4.58 -3.15 9.39
C LYS A 32 5.06 -3.05 7.93
C LYS A 32 5.09 -3.01 7.96
N GLY A 33 4.40 -2.22 7.15
CA GLY A 33 4.85 -1.93 5.79
C GLY A 33 6.09 -1.06 5.81
N GLY A 34 6.90 -1.17 4.73
CA GLY A 34 8.10 -0.37 4.62
C GLY A 34 7.82 1.05 4.21
N LYS A 35 8.79 1.90 4.55
CA LYS A 35 8.74 3.31 4.19
C LYS A 35 9.09 3.49 2.71
N GLY A 36 8.33 4.27 1.98
CA GLY A 36 8.71 4.64 0.62
C GLY A 36 9.95 5.51 0.61
N ALA A 37 10.75 5.39 -0.45
CA ALA A 37 11.97 6.20 -0.60
C ALA A 37 11.61 7.59 -1.10
N PRO A 38 12.42 8.60 -0.75
CA PRO A 38 12.25 9.93 -1.34
C PRO A 38 12.58 9.91 -2.82
N GLY A 39 12.09 10.93 -3.51
CA GLY A 39 12.41 11.17 -4.90
C GLY A 39 13.10 12.50 -5.04
N VAL A 40 14.13 12.54 -5.86
CA VAL A 40 14.80 13.77 -6.28
C VAL A 40 14.55 13.90 -7.77
N GLY A 41 13.87 14.95 -8.17
CA GLY A 41 13.50 15.11 -9.58
C GLY A 41 12.20 14.45 -9.95
N THR A 42 11.89 13.33 -9.34
CA THR A 42 10.64 12.57 -9.52
C THR A 42 10.04 12.34 -8.16
N ALA A 43 8.89 11.71 -8.16
CA ALA A 43 8.07 11.61 -6.96
C ALA A 43 8.63 10.64 -5.95
N GLY A 44 8.20 10.76 -4.69
CA GLY A 44 8.49 9.79 -3.68
C GLY A 44 7.73 8.48 -3.91
N GLY A 45 8.29 7.39 -3.38
CA GLY A 45 7.60 6.12 -3.46
C GLY A 45 6.50 6.02 -2.41
N ALA A 46 5.46 5.28 -2.67
CA ALA A 46 4.42 5.04 -1.66
C ALA A 46 4.92 4.05 -0.62
N GLY A 47 4.37 4.13 0.58
CA GLY A 47 4.65 3.17 1.63
C GLY A 47 4.05 1.78 1.31
N GLY A 48 4.62 0.78 1.98
CA GLY A 48 4.07 -0.58 1.85
C GLY A 48 2.88 -0.81 2.78
N VAL A 49 1.95 -1.65 2.33
CA VAL A 49 0.76 -1.98 3.09
C VAL A 49 1.10 -2.73 4.39
N GLY A 50 0.35 -2.49 5.43
CA GLY A 50 0.46 -3.30 6.64
C GLY A 50 -0.16 -4.67 6.47
N GLY A 51 0.47 -5.66 7.06
CA GLY A 51 -0.07 -7.02 6.98
C GLY A 51 -1.25 -7.20 7.89
N ALA A 52 -2.14 -8.09 7.50
CA ALA A 52 -3.28 -8.44 8.35
C ALA A 52 -2.80 -9.27 9.53
N GLY A 53 -3.50 -9.14 10.65
CA GLY A 53 -3.25 -9.99 11.81
C GLY A 53 -3.56 -11.43 11.53
N GLY A 54 -2.88 -12.31 12.23
CA GLY A 54 -3.11 -13.74 12.13
C GLY A 54 -4.34 -14.21 12.89
N THR A 55 -4.60 -15.50 12.86
CA THR A 55 -5.73 -16.09 13.57
C THR A 55 -5.60 -15.84 15.06
N GLY A 56 -6.75 -15.82 15.72
CA GLY A 56 -6.79 -15.47 17.13
C GLY A 56 -7.18 -14.03 17.30
N ASN A 57 -6.64 -13.37 18.31
CA ASN A 57 -6.90 -11.96 18.61
C ASN A 57 -5.59 -11.19 18.41
N THR A 58 -5.47 -10.52 17.29
CA THR A 58 -4.19 -10.01 16.77
C THR A 58 -4.42 -8.62 16.23
N ASN A 59 -3.34 -7.83 16.20
CA ASN A 59 -3.42 -6.50 15.60
C ASN A 59 -2.96 -6.50 14.16
N GLY A 60 -3.57 -5.66 13.33
CA GLY A 60 -3.04 -5.41 12.00
C GLY A 60 -1.73 -4.64 12.09
N GLY A 61 -0.91 -4.80 11.05
CA GLY A 61 0.33 -4.03 10.96
C GLY A 61 0.08 -2.61 10.47
N ALA A 62 0.95 -1.69 10.92
CA ALA A 62 0.88 -0.31 10.45
C ALA A 62 1.30 -0.19 9.02
N GLY A 63 0.66 0.65 8.24
CA GLY A 63 1.08 0.95 6.90
C GLY A 63 2.34 1.83 6.93
N GLY A 64 3.20 1.62 5.91
CA GLY A 64 4.36 2.48 5.78
C GLY A 64 4.00 3.87 5.26
N SER A 65 4.87 4.82 5.60
N SER A 65 4.87 4.82 5.58
CA SER A 65 4.68 6.19 5.10
CA SER A 65 4.73 6.20 5.11
C SER A 65 5.34 6.38 3.73
C SER A 65 5.36 6.38 3.73
N GLY A 66 4.86 7.36 2.99
CA GLY A 66 5.39 7.67 1.69
C GLY A 66 6.65 8.51 1.75
N GLY A 67 7.43 8.45 0.66
CA GLY A 67 8.63 9.27 0.57
C GLY A 67 8.35 10.69 0.16
N ASN A 68 9.25 11.57 0.61
CA ASN A 68 9.18 12.98 0.22
C ASN A 68 9.67 13.20 -1.20
N SER A 69 9.36 14.34 -1.77
CA SER A 69 9.92 14.72 -3.08
C SER A 69 10.32 16.19 -3.02
N ASP A 70 11.41 16.55 -3.71
CA ASP A 70 11.83 17.97 -3.76
C ASP A 70 10.93 18.78 -4.69
N VAL A 71 10.66 18.31 -5.89
CA VAL A 71 9.94 19.10 -6.91
C VAL A 71 8.70 18.39 -7.41
N ALA A 72 8.52 17.12 -7.05
CA ALA A 72 7.37 16.35 -7.54
C ALA A 72 6.52 15.94 -6.32
N ALA A 73 5.58 15.05 -6.54
CA ALA A 73 4.63 14.68 -5.49
C ALA A 73 5.30 13.81 -4.43
N GLY A 74 4.82 13.94 -3.20
CA GLY A 74 5.13 12.95 -2.18
C GLY A 74 4.43 11.62 -2.47
N GLY A 75 5.04 10.54 -2.00
CA GLY A 75 4.41 9.22 -2.15
C GLY A 75 3.21 9.10 -1.17
N ALA A 76 2.28 8.27 -1.54
CA ALA A 76 1.12 8.03 -0.66
C ALA A 76 1.52 7.20 0.54
N GLY A 77 0.85 7.44 1.66
CA GLY A 77 0.89 6.53 2.79
C GLY A 77 0.07 5.30 2.51
N ALA A 78 0.44 4.21 3.20
CA ALA A 78 -0.21 2.90 2.95
C ALA A 78 -1.27 2.58 4.03
N ALA A 79 -2.20 1.73 3.60
CA ALA A 79 -3.23 1.26 4.48
C ALA A 79 -2.66 0.37 5.60
N GLY A 80 -3.30 0.42 6.73
CA GLY A 80 -3.05 -0.52 7.82
C GLY A 80 -3.74 -1.87 7.57
N GLY A 81 -3.15 -2.89 8.15
CA GLY A 81 -3.77 -4.21 8.07
C GLY A 81 -4.94 -4.36 9.01
N ALA A 82 -5.82 -5.31 8.66
CA ALA A 82 -6.96 -5.61 9.51
C ALA A 82 -6.52 -6.45 10.70
N ALA A 83 -7.20 -6.28 11.82
CA ALA A 83 -7.06 -7.13 13.01
C ALA A 83 -7.52 -8.55 12.72
N GLY A 84 -7.01 -9.48 13.51
CA GLY A 84 -7.65 -10.80 13.64
C GLY A 84 -8.49 -10.78 14.91
N GLY A 85 -9.65 -11.44 14.85
CA GLY A 85 -10.47 -11.55 16.03
C GLY A 85 -10.78 -10.18 16.60
N ALA A 86 -10.61 -10.03 17.90
CA ALA A 86 -10.96 -8.83 18.64
C ALA A 86 -9.80 -7.81 18.73
N GLY A 87 -8.78 -7.95 17.88
CA GLY A 87 -7.61 -7.06 17.93
C GLY A 87 -7.86 -5.69 17.35
N THR A 88 -6.82 -4.88 17.37
CA THR A 88 -6.85 -3.50 16.87
C THR A 88 -6.33 -3.44 15.44
N GLY A 89 -6.96 -2.63 14.59
CA GLY A 89 -6.50 -2.47 13.22
C GLY A 89 -5.23 -1.65 13.18
N GLY A 90 -4.47 -1.85 12.10
CA GLY A 90 -3.24 -1.08 11.93
C GLY A 90 -3.48 0.38 11.53
N THR A 91 -2.59 1.24 11.99
CA THR A 91 -2.62 2.66 11.62
C THR A 91 -2.20 2.83 10.18
N GLY A 92 -2.85 3.70 9.45
CA GLY A 92 -2.39 4.07 8.13
C GLY A 92 -1.15 4.88 8.17
N GLY A 93 -0.32 4.78 7.11
CA GLY A 93 0.89 5.58 7.02
C GLY A 93 0.60 7.01 6.56
N ASN A 94 1.60 7.84 6.79
CA ASN A 94 1.55 9.25 6.38
C ASN A 94 2.02 9.43 4.96
N GLY A 95 1.44 10.38 4.25
CA GLY A 95 1.96 10.74 2.94
C GLY A 95 3.32 11.43 3.10
N GLY A 96 4.11 11.37 2.01
CA GLY A 96 5.38 12.14 1.95
C GLY A 96 5.10 13.61 1.63
N ALA A 97 6.00 14.47 2.07
CA ALA A 97 5.93 15.88 1.78
C ALA A 97 6.30 16.09 0.31
N GLY A 98 5.72 17.06 -0.35
CA GLY A 98 6.06 17.32 -1.76
C GLY A 98 5.14 18.32 -2.41
N LYS A 99 5.05 18.24 -3.72
CA LYS A 99 4.27 19.14 -4.57
C LYS A 99 3.33 18.31 -5.44
N PRO A 100 2.16 17.90 -4.94
CA PRO A 100 1.69 18.10 -3.57
C PRO A 100 2.11 16.98 -2.63
N GLY A 101 1.78 17.12 -1.35
CA GLY A 101 1.99 16.04 -0.40
C GLY A 101 1.19 14.79 -0.79
N GLY A 102 1.70 13.63 -0.40
CA GLY A 102 1.01 12.37 -0.71
C GLY A 102 -0.26 12.20 0.12
N ALA A 103 -1.17 11.42 -0.45
CA ALA A 103 -2.40 11.03 0.25
C ALA A 103 -2.07 10.19 1.48
N PRO A 104 -2.92 10.24 2.51
CA PRO A 104 -2.72 9.38 3.68
C PRO A 104 -3.19 7.94 3.42
N GLY A 105 -2.65 7.03 4.20
CA GLY A 105 -3.17 5.65 4.20
C GLY A 105 -4.37 5.48 5.12
N ALA A 106 -5.29 4.64 4.66
CA ALA A 106 -6.50 4.32 5.45
C ALA A 106 -6.12 3.44 6.63
N GLY A 107 -6.90 3.53 7.70
CA GLY A 107 -6.76 2.61 8.84
C GLY A 107 -7.28 1.24 8.54
N GLY A 108 -6.73 0.24 9.23
CA GLY A 108 -7.26 -1.13 9.11
C GLY A 108 -8.42 -1.38 10.08
N ALA A 109 -9.31 -2.29 9.68
CA ALA A 109 -10.48 -2.61 10.51
C ALA A 109 -10.08 -3.35 11.76
N GLY A 110 -10.79 -3.13 12.84
CA GLY A 110 -10.61 -3.80 14.11
C GLY A 110 -11.51 -3.26 15.15
N THR A 111 -11.27 -3.64 16.39
CA THR A 111 -11.99 -3.14 17.58
C THR A 111 -10.99 -2.79 18.65
N PRO A 112 -10.49 -1.54 18.68
CA PRO A 112 -10.82 -0.45 17.74
C PRO A 112 -10.09 -0.58 16.40
N ALA A 113 -10.54 0.20 15.43
CA ALA A 113 -9.92 0.23 14.12
C ALA A 113 -8.69 1.15 14.19
N GLY A 114 -7.79 0.94 13.26
CA GLY A 114 -6.65 1.82 13.13
C GLY A 114 -7.09 3.18 12.60
N SER A 115 -6.35 4.21 12.99
N SER A 115 -6.37 4.22 13.00
CA SER A 115 -6.58 5.56 12.47
CA SER A 115 -6.62 5.57 12.48
C SER A 115 -5.96 5.70 11.09
C SER A 115 -5.96 5.72 11.12
N ALA A 116 -6.53 6.54 10.25
CA ALA A 116 -5.87 6.91 9.00
C ALA A 116 -4.60 7.70 9.31
N GLY A 117 -3.69 7.75 8.34
CA GLY A 117 -2.49 8.58 8.47
C GLY A 117 -2.74 10.04 8.16
N SER A 118 -1.67 10.82 8.25
CA SER A 118 -1.69 12.24 7.89
C SER A 118 -1.32 12.41 6.42
N PRO A 119 -1.93 13.35 5.69
CA PRO A 119 -1.43 13.68 4.35
C PRO A 119 -0.03 14.25 4.48
N GLY A 120 0.79 14.07 3.45
CA GLY A 120 2.06 14.79 3.39
C GLY A 120 1.84 16.28 3.33
N GLN A 121 2.78 17.02 3.91
CA GLN A 121 2.73 18.49 3.78
C GLN A 121 3.02 18.86 2.32
N THR A 122 2.30 19.85 1.83
CA THR A 122 2.57 20.40 0.51
C THR A 122 3.56 21.55 0.68
N THR A 123 4.72 21.44 0.04
CA THR A 123 5.77 22.47 0.17
C THR A 123 5.49 23.59 -0.83
N VAL A 124 5.72 24.84 -0.41
CA VAL A 124 5.51 26.01 -1.28
C VAL A 124 6.69 26.96 -1.12
N LEU A 125 7.10 27.58 -2.23
CA LEU A 125 8.11 28.67 -2.28
C LEU A 125 9.47 28.12 -1.82
N MET B 1 2.84 9.18 -20.01
CA MET B 1 2.90 7.88 -20.68
C MET B 1 3.70 7.91 -21.98
N GLN B 2 4.73 7.06 -22.00
CA GLN B 2 5.51 6.75 -23.21
C GLN B 2 6.00 5.32 -23.05
N CYS B 3 7.06 5.02 -22.27
CA CYS B 3 7.55 3.62 -22.11
C CYS B 3 6.91 2.94 -20.91
N ASP B 4 7.09 1.62 -20.83
CA ASP B 4 6.43 0.77 -19.82
C ASP B 4 7.25 0.71 -18.55
N GLY B 5 6.59 0.57 -17.42
CA GLY B 5 7.29 0.21 -16.18
C GLY B 5 7.19 -1.29 -15.93
N LEU B 6 8.07 -1.85 -15.10
CA LEU B 6 8.03 -3.27 -14.78
C LEU B 6 7.00 -3.49 -13.67
N ASP B 7 6.04 -4.38 -13.97
CA ASP B 7 4.99 -4.73 -13.01
C ASP B 7 5.51 -5.61 -11.89
N GLY B 8 4.91 -5.53 -10.74
CA GLY B 8 5.23 -6.43 -9.65
C GLY B 8 4.51 -7.77 -9.77
N ALA B 9 5.18 -8.82 -9.31
CA ALA B 9 4.57 -10.16 -9.34
C ALA B 9 3.38 -10.23 -8.37
N ASP B 10 2.33 -10.90 -8.83
CA ASP B 10 1.21 -11.23 -7.92
C ASP B 10 1.70 -12.22 -6.85
N GLY B 11 1.17 -12.12 -5.65
CA GLY B 11 1.37 -13.20 -4.67
C GLY B 11 0.65 -14.45 -5.08
N THR B 12 1.23 -15.58 -4.73
CA THR B 12 0.63 -16.88 -5.08
C THR B 12 0.46 -17.78 -3.88
N SER B 13 1.49 -17.94 -3.07
N SER B 13 1.48 -17.92 -3.06
CA SER B 13 1.43 -18.77 -1.86
CA SER B 13 1.41 -18.77 -1.86
C SER B 13 0.38 -18.22 -0.89
C SER B 13 0.38 -18.22 -0.89
N ASN B 14 -0.12 -19.07 -0.01
CA ASN B 14 -1.13 -18.71 0.99
C ASN B 14 -0.76 -17.40 1.68
N GLY B 15 -1.62 -16.39 1.53
CA GLY B 15 -1.43 -15.10 2.21
C GLY B 15 -0.29 -14.24 1.68
N GLN B 16 0.36 -14.59 0.58
CA GLN B 16 1.53 -13.86 0.11
C GLN B 16 1.14 -12.48 -0.46
N ALA B 17 1.90 -11.47 -0.08
CA ALA B 17 1.69 -10.12 -0.63
C ALA B 17 2.13 -10.02 -2.07
N GLY B 18 1.48 -9.12 -2.80
CA GLY B 18 1.98 -8.73 -4.13
C GLY B 18 3.25 -7.91 -3.97
N ALA B 19 4.10 -8.00 -5.01
CA ALA B 19 5.32 -7.18 -5.06
C ALA B 19 5.01 -5.81 -5.66
N SER B 20 5.82 -4.85 -5.28
CA SER B 20 5.69 -3.48 -5.83
C SER B 20 5.99 -3.45 -7.31
N GLY B 21 5.31 -2.58 -8.03
CA GLY B 21 5.72 -2.16 -9.37
C GLY B 21 6.94 -1.27 -9.23
N LEU B 22 7.75 -1.27 -10.28
CA LEU B 22 9.01 -0.51 -10.19
C LEU B 22 8.77 0.95 -10.58
N ALA B 23 9.55 1.82 -9.98
CA ALA B 23 9.60 3.22 -10.41
C ALA B 23 10.04 3.25 -11.87
N GLY B 24 9.40 4.07 -12.71
CA GLY B 24 9.73 4.07 -14.11
C GLY B 24 11.13 4.53 -14.39
N GLY B 25 11.74 3.94 -15.40
CA GLY B 25 12.94 4.49 -16.00
C GLY B 25 12.62 5.74 -16.78
N PRO B 26 13.59 6.25 -17.54
CA PRO B 26 13.41 7.55 -18.21
C PRO B 26 12.25 7.46 -19.20
N ASN B 27 11.34 8.42 -19.09
CA ASN B 27 10.12 8.52 -19.94
C ASN B 27 9.18 7.36 -19.74
N CYS B 28 9.35 6.56 -18.70
CA CYS B 28 8.48 5.38 -18.51
C CYS B 28 7.46 5.59 -17.41
N ASN B 29 6.28 5.07 -17.64
CA ASN B 29 5.28 4.99 -16.58
C ASN B 29 5.74 4.06 -15.47
N GLY B 30 5.23 4.25 -14.28
CA GLY B 30 5.49 3.31 -13.17
C GLY B 30 4.80 1.95 -13.42
N GLY B 31 5.40 0.89 -12.88
CA GLY B 31 4.82 -0.45 -13.03
C GLY B 31 3.59 -0.63 -12.13
N LYS B 32 2.69 -1.51 -12.59
CA LYS B 32 1.54 -1.90 -11.75
C LYS B 32 1.96 -2.79 -10.59
N GLY B 33 1.42 -2.58 -9.44
CA GLY B 33 1.70 -3.43 -8.27
C GLY B 33 1.01 -4.77 -8.41
N GLY B 34 1.62 -5.80 -7.81
CA GLY B 34 1.02 -7.13 -7.86
C GLY B 34 -0.20 -7.27 -6.94
N LYS B 35 -1.10 -8.16 -7.34
CA LYS B 35 -2.24 -8.51 -6.47
C LYS B 35 -1.77 -9.40 -5.31
N GLY B 36 -2.35 -9.22 -4.13
CA GLY B 36 -2.11 -10.15 -3.03
C GLY B 36 -2.78 -11.47 -3.28
N ALA B 37 -2.18 -12.54 -2.73
CA ALA B 37 -2.71 -13.89 -2.87
C ALA B 37 -3.91 -14.08 -1.95
N PRO B 38 -4.83 -14.99 -2.33
CA PRO B 38 -5.87 -15.40 -1.39
C PRO B 38 -5.26 -16.01 -0.14
N GLY B 39 -6.00 -15.88 0.95
CA GLY B 39 -5.69 -16.56 2.23
C GLY B 39 -6.66 -17.69 2.46
N VAL B 40 -6.13 -18.82 2.87
CA VAL B 40 -6.94 -20.02 3.20
C VAL B 40 -6.62 -20.34 4.65
N GLY B 41 -7.60 -20.17 5.50
CA GLY B 41 -7.39 -20.36 6.94
C GLY B 41 -6.55 -19.25 7.51
N THR B 42 -6.21 -18.24 6.73
CA THR B 42 -5.39 -17.10 7.14
C THR B 42 -5.85 -15.88 6.29
N ALA B 43 -5.40 -14.70 6.65
CA ALA B 43 -5.80 -13.48 5.94
C ALA B 43 -5.23 -13.47 4.54
N GLY B 44 -5.86 -12.66 3.70
CA GLY B 44 -5.31 -12.44 2.38
C GLY B 44 -4.04 -11.61 2.41
N GLY B 45 -3.24 -11.77 1.34
CA GLY B 45 -2.04 -10.94 1.19
C GLY B 45 -2.36 -9.52 0.76
N ALA B 46 -1.51 -8.60 1.21
CA ALA B 46 -1.62 -7.20 0.77
C ALA B 46 -1.27 -7.06 -0.70
N GLY B 47 -1.84 -6.06 -1.34
CA GLY B 47 -1.34 -5.67 -2.66
C GLY B 47 0.03 -5.02 -2.59
N GLY B 48 0.68 -5.00 -3.75
CA GLY B 48 1.93 -4.27 -3.93
C GLY B 48 1.70 -2.88 -4.51
N VAL B 49 2.54 -1.96 -4.07
CA VAL B 49 2.47 -0.54 -4.47
C VAL B 49 2.68 -0.37 -5.96
N GLY B 50 1.95 0.57 -6.55
CA GLY B 50 2.22 0.99 -7.90
C GLY B 50 3.47 1.89 -7.96
N GLY B 51 4.23 1.75 -9.05
CA GLY B 51 5.48 2.53 -9.16
C GLY B 51 5.25 3.99 -9.49
N ALA B 52 6.15 4.83 -9.02
CA ALA B 52 6.18 6.23 -9.44
C ALA B 52 6.57 6.33 -10.89
N GLY B 53 6.07 7.37 -11.55
CA GLY B 53 6.52 7.63 -12.91
C GLY B 53 7.99 8.01 -12.98
N GLY B 54 8.60 7.72 -14.13
CA GLY B 54 9.98 8.12 -14.39
C GLY B 54 10.09 9.57 -14.86
N THR B 55 11.27 9.94 -15.32
CA THR B 55 11.50 11.33 -15.75
C THR B 55 10.60 11.65 -16.93
N GLY B 56 10.23 12.90 -17.06
CA GLY B 56 9.35 13.34 -18.15
C GLY B 56 7.92 13.42 -17.66
N ASN B 57 6.99 13.25 -18.60
CA ASN B 57 5.54 13.30 -18.32
C ASN B 57 5.06 11.86 -18.34
N THR B 58 4.95 11.28 -17.17
CA THR B 58 4.73 9.83 -16.98
C THR B 58 3.58 9.58 -16.02
N ASN B 59 2.93 8.44 -16.20
CA ASN B 59 1.84 8.09 -15.28
C ASN B 59 2.33 7.16 -14.17
N GLY B 60 1.73 7.28 -13.00
CA GLY B 60 1.99 6.33 -11.92
C GLY B 60 1.33 4.99 -12.21
N GLY B 61 1.93 3.92 -11.69
CA GLY B 61 1.31 2.60 -11.82
C GLY B 61 0.14 2.43 -10.84
N ALA B 62 -0.81 1.58 -11.24
CA ALA B 62 -1.92 1.23 -10.34
C ALA B 62 -1.42 0.40 -9.16
N GLY B 63 -1.98 0.60 -7.99
CA GLY B 63 -1.69 -0.27 -6.84
C GLY B 63 -2.39 -1.61 -7.03
N GLY B 64 -1.74 -2.66 -6.50
CA GLY B 64 -2.38 -3.97 -6.50
C GLY B 64 -3.50 -4.05 -5.47
N SER B 65 -4.48 -4.90 -5.81
CA SER B 65 -5.54 -5.18 -4.83
C SER B 65 -5.10 -6.23 -3.84
N GLY B 66 -5.74 -6.25 -2.69
CA GLY B 66 -5.50 -7.27 -1.69
C GLY B 66 -6.17 -8.58 -2.03
N GLY B 67 -5.65 -9.67 -1.44
CA GLY B 67 -6.25 -10.98 -1.64
C GLY B 67 -7.46 -11.20 -0.75
N ASN B 68 -8.37 -12.04 -1.21
CA ASN B 68 -9.54 -12.41 -0.42
C ASN B 68 -9.12 -13.44 0.63
N SER B 69 -9.95 -13.62 1.66
CA SER B 69 -9.75 -14.68 2.66
C SER B 69 -11.05 -15.45 2.83
N ASP B 70 -10.93 -16.76 3.05
CA ASP B 70 -12.15 -17.58 3.22
C ASP B 70 -12.76 -17.38 4.61
N VAL B 71 -11.95 -17.24 5.66
CA VAL B 71 -12.46 -17.21 7.04
C VAL B 71 -11.92 -16.00 7.79
N ALA B 72 -10.97 -15.26 7.20
CA ALA B 72 -10.29 -14.19 7.93
C ALA B 72 -10.37 -12.89 7.11
N ALA B 73 -9.53 -11.92 7.48
CA ALA B 73 -9.60 -10.58 6.86
C ALA B 73 -9.05 -10.61 5.45
N GLY B 74 -9.61 -9.76 4.62
CA GLY B 74 -8.97 -9.52 3.33
C GLY B 74 -7.67 -8.75 3.49
N GLY B 75 -6.77 -8.93 2.52
CA GLY B 75 -5.59 -8.06 2.48
C GLY B 75 -5.96 -6.66 2.06
N ALA B 76 -5.17 -5.69 2.47
CA ALA B 76 -5.40 -4.30 2.08
C ALA B 76 -4.86 -4.02 0.67
N GLY B 77 -5.54 -3.14 -0.03
CA GLY B 77 -5.04 -2.65 -1.30
C GLY B 77 -3.90 -1.69 -1.13
N ALA B 78 -3.05 -1.64 -2.15
CA ALA B 78 -1.84 -0.79 -2.12
C ALA B 78 -2.09 0.51 -2.87
N ALA B 79 -1.29 1.51 -2.50
CA ALA B 79 -1.40 2.82 -3.14
C ALA B 79 -0.96 2.79 -4.59
N GLY B 80 -1.55 3.67 -5.38
CA GLY B 80 -1.05 3.96 -6.69
C GLY B 80 0.22 4.81 -6.63
N GLY B 81 0.99 4.73 -7.70
CA GLY B 81 2.18 5.57 -7.81
C GLY B 81 1.86 6.96 -8.25
N ALA B 82 2.72 7.89 -7.84
CA ALA B 82 2.59 9.26 -8.31
C ALA B 82 3.09 9.40 -9.72
N ALA B 83 2.52 10.39 -10.42
CA ALA B 83 2.97 10.75 -11.76
C ALA B 83 4.37 11.36 -11.75
N GLY B 84 4.98 11.37 -12.92
CA GLY B 84 6.13 12.26 -13.18
C GLY B 84 5.64 13.42 -14.02
N GLY B 85 6.18 14.61 -13.73
CA GLY B 85 5.80 15.74 -14.58
C GLY B 85 4.29 15.98 -14.56
N ALA B 86 3.70 16.08 -15.75
CA ALA B 86 2.26 16.38 -15.92
C ALA B 86 1.45 15.11 -16.13
N GLY B 87 1.94 13.94 -15.75
CA GLY B 87 1.20 12.70 -15.94
C GLY B 87 0.07 12.50 -14.93
N THR B 88 -0.61 11.35 -15.06
CA THR B 88 -1.76 10.98 -14.22
C THR B 88 -1.28 10.04 -13.09
N GLY B 89 -1.83 10.19 -11.91
CA GLY B 89 -1.51 9.31 -10.79
C GLY B 89 -2.17 7.96 -10.95
N GLY B 90 -1.57 6.94 -10.34
CA GLY B 90 -2.14 5.59 -10.40
C GLY B 90 -3.35 5.41 -9.50
N THR B 91 -4.28 4.58 -9.95
CA THR B 91 -5.42 4.23 -9.10
C THR B 91 -4.97 3.36 -7.95
N GLY B 92 -5.55 3.55 -6.76
CA GLY B 92 -5.29 2.67 -5.64
C GLY B 92 -5.93 1.30 -5.82
N GLY B 93 -5.32 0.29 -5.20
CA GLY B 93 -5.90 -1.05 -5.24
C GLY B 93 -7.10 -1.16 -4.30
N ASN B 94 -7.92 -2.16 -4.60
CA ASN B 94 -9.06 -2.46 -3.73
C ASN B 94 -8.61 -3.42 -2.62
N GLY B 95 -9.31 -3.36 -1.49
CA GLY B 95 -9.11 -4.34 -0.42
C GLY B 95 -9.66 -5.69 -0.88
N GLY B 96 -9.13 -6.77 -0.31
CA GLY B 96 -9.69 -8.09 -0.57
C GLY B 96 -10.93 -8.32 0.23
N ALA B 97 -11.78 -9.20 -0.31
CA ALA B 97 -13.00 -9.61 0.37
C ALA B 97 -12.63 -10.46 1.58
N GLY B 98 -13.37 -10.33 2.66
CA GLY B 98 -13.11 -11.14 3.84
C GLY B 98 -13.96 -10.72 5.01
N LYS B 99 -13.51 -11.11 6.19
CA LYS B 99 -14.25 -10.84 7.45
C LYS B 99 -13.24 -10.29 8.46
N PRO B 100 -12.97 -8.96 8.49
CA PRO B 100 -13.55 -7.97 7.61
C PRO B 100 -12.79 -7.74 6.31
N GLY B 101 -13.35 -6.95 5.42
CA GLY B 101 -12.68 -6.64 4.15
C GLY B 101 -11.41 -5.82 4.39
N GLY B 102 -10.47 -5.97 3.45
CA GLY B 102 -9.26 -5.17 3.54
C GLY B 102 -9.52 -3.72 3.26
N ALA B 103 -8.65 -2.87 3.79
CA ALA B 103 -8.71 -1.42 3.54
C ALA B 103 -8.34 -1.14 2.09
N PRO B 104 -8.77 0.02 1.57
CA PRO B 104 -8.38 0.41 0.21
C PRO B 104 -6.99 1.04 0.18
N GLY B 105 -6.42 1.03 -1.03
CA GLY B 105 -5.20 1.80 -1.30
C GLY B 105 -5.52 3.19 -1.80
N ALA B 106 -4.65 4.12 -1.46
CA ALA B 106 -4.82 5.53 -1.86
C ALA B 106 -4.42 5.71 -3.33
N GLY B 107 -4.95 6.78 -3.90
CA GLY B 107 -4.51 7.14 -5.26
C GLY B 107 -3.16 7.84 -5.23
N GLY B 108 -2.42 7.69 -6.33
CA GLY B 108 -1.20 8.45 -6.51
C GLY B 108 -1.49 9.87 -6.98
N ALA B 109 -0.60 10.79 -6.62
CA ALA B 109 -0.77 12.18 -7.06
C ALA B 109 -0.49 12.33 -8.53
N GLY B 110 -1.09 13.33 -9.13
CA GLY B 110 -0.85 13.64 -10.54
C GLY B 110 -1.77 14.72 -11.02
N THR B 111 -1.88 14.83 -12.32
CA THR B 111 -2.70 15.86 -12.96
C THR B 111 -3.53 15.14 -14.01
N PRO B 112 -4.66 14.49 -13.65
CA PRO B 112 -5.21 14.38 -12.30
C PRO B 112 -4.59 13.26 -11.47
N ALA B 113 -4.90 13.28 -10.20
CA ALA B 113 -4.55 12.20 -9.28
C ALA B 113 -5.36 10.95 -9.61
N GLY B 114 -4.85 9.82 -9.20
CA GLY B 114 -5.67 8.61 -9.21
C GLY B 114 -6.62 8.54 -8.03
N SER B 115 -7.71 7.83 -8.23
CA SER B 115 -8.66 7.60 -7.14
C SER B 115 -8.18 6.51 -6.21
N ALA B 116 -8.51 6.65 -4.93
CA ALA B 116 -8.36 5.54 -4.00
C ALA B 116 -9.29 4.40 -4.43
N GLY B 117 -8.86 3.19 -4.09
CA GLY B 117 -9.66 2.00 -4.32
C GLY B 117 -10.80 1.87 -3.35
N SER B 118 -11.48 0.73 -3.47
N SER B 118 -11.47 0.72 -3.46
CA SER B 118 -12.63 0.42 -2.60
CA SER B 118 -12.61 0.35 -2.61
C SER B 118 -12.19 -0.55 -1.51
C SER B 118 -12.13 -0.53 -1.47
N PRO B 119 -12.74 -0.46 -0.28
CA PRO B 119 -12.58 -1.50 0.72
C PRO B 119 -13.06 -2.83 0.15
N GLY B 120 -12.56 -3.91 0.76
CA GLY B 120 -13.03 -5.22 0.31
C GLY B 120 -14.44 -5.50 0.77
N GLN B 121 -15.14 -6.35 0.01
CA GLN B 121 -16.54 -6.70 0.31
C GLN B 121 -16.57 -7.59 1.53
N THR B 122 -17.54 -7.35 2.39
CA THR B 122 -17.70 -8.14 3.61
C THR B 122 -19.03 -8.88 3.55
N THR B 123 -19.15 -9.95 4.33
CA THR B 123 -20.37 -10.76 4.39
C THR B 123 -20.91 -10.62 5.80
N VAL B 124 -22.24 -10.51 5.96
CA VAL B 124 -22.88 -10.26 7.28
C VAL B 124 -24.03 -11.27 7.43
N LEU B 125 -24.07 -11.80 8.64
CA LEU B 125 -25.15 -12.71 9.04
C LEU B 125 -26.45 -11.94 9.14
N GLU B 126 -27.53 -12.51 8.64
CA GLU B 126 -28.89 -11.96 8.88
C GLU B 126 -29.75 -12.99 9.61
#